data_1NI3
#
_entry.id   1NI3
#
_cell.length_a   130.241
_cell.length_b   130.241
_cell.length_c   66.229
_cell.angle_alpha   90.00
_cell.angle_beta   90.00
_cell.angle_gamma   120.00
#
_symmetry.space_group_name_H-M   'P 65'
#
loop_
_entity.id
_entity.type
_entity.pdbx_description
1 polymer 'YchF GTP-binding protein'
2 non-polymer 'SULFATE ION'
3 water water
#
_entity_poly.entity_id   1
_entity_poly.type   'polypeptide(L)'
_entity_poly.pdbx_seq_one_letter_code
;(MSE)PPKKQQEVVKVQWGRPGNNLKTGIVG(MSE)PNVGKSTFFRAITKSVLGNPANYPYATIDPEEAKVAVPDERFDW
LCEAYKPKSRVPAFLTVFDIAGLTKGASTGVGLGNAFLSHVRAVDAIYQVVRAFDDAEIIHVEGDVDPIRDLSIIVDELL
IKDAEFVEKHLEGLRKITSRGANTLE(MSE)KAKKEEQAIIEKVYQYLTETKQPIRKGDWSNREVEIINSLYLLTAKPVI
YLVN(MSE)SERDFLRQKNKYLPKIKKWIDENSPGDTLIP(MSE)SVAFEERLTNFTEEEAIEECKKLNTKS(MSE)LPK
IIVTGYNALNLINYFTCGEDEVRSWTIRKGTKAPQAAGVIHTDFEKAFVVGEI(MSE)HYQDLFDYKTENACRAAGKYLT
KGKEYV(MSE)ESGDIAHWKAGKR
;
_entity_poly.pdbx_strand_id   A
#
# COMPACT_ATOMS: atom_id res chain seq x y z
N LYS A 11 13.22 -10.54 -7.53
CA LYS A 11 14.24 -11.39 -6.85
C LYS A 11 13.79 -11.93 -5.48
N VAL A 12 12.86 -11.24 -4.82
CA VAL A 12 12.33 -11.65 -3.50
C VAL A 12 10.94 -11.04 -3.25
N GLN A 13 10.08 -11.81 -2.60
CA GLN A 13 8.72 -11.37 -2.29
C GLN A 13 8.45 -11.42 -0.80
N TRP A 14 7.81 -10.35 -0.32
CA TRP A 14 7.55 -10.20 1.10
C TRP A 14 6.10 -9.79 1.37
N GLY A 15 5.49 -10.37 2.40
CA GLY A 15 4.11 -10.02 2.69
C GLY A 15 3.10 -11.10 2.37
N ARG A 16 1.83 -10.73 2.46
CA ARG A 16 0.74 -11.66 2.20
C ARG A 16 0.59 -11.99 0.71
N PRO A 17 0.28 -13.26 0.39
CA PRO A 17 0.08 -13.77 -0.97
C PRO A 17 -1.14 -13.19 -1.65
N GLY A 18 -1.07 -13.00 -2.97
CA GLY A 18 -2.22 -12.50 -3.70
C GLY A 18 -2.14 -11.15 -4.40
N ASN A 19 -3.30 -10.69 -4.87
CA ASN A 19 -3.39 -9.43 -5.58
C ASN A 19 -4.23 -8.43 -4.81
N ASN A 20 -5.33 -8.87 -4.22
CA ASN A 20 -6.17 -7.95 -3.46
C ASN A 20 -5.57 -7.59 -2.11
N LEU A 21 -4.48 -6.82 -2.13
CA LEU A 21 -3.79 -6.37 -0.92
C LEU A 21 -4.41 -5.00 -0.58
N LYS A 22 -4.50 -4.66 0.70
CA LYS A 22 -5.08 -3.37 1.08
C LYS A 22 -4.19 -2.56 2.04
N THR A 23 -4.46 -1.27 2.16
CA THR A 23 -3.69 -0.39 3.03
C THR A 23 -4.66 0.24 4.02
N GLY A 24 -4.20 0.50 5.25
CA GLY A 24 -5.05 1.10 6.26
C GLY A 24 -4.38 2.35 6.79
N ILE A 25 -5.18 3.34 7.20
CA ILE A 25 -4.62 4.58 7.73
C ILE A 25 -4.38 4.54 9.25
N VAL A 26 -3.10 4.64 9.63
CA VAL A 26 -2.65 4.60 11.01
C VAL A 26 -2.23 5.98 11.50
N GLY A 27 -2.55 6.29 12.74
CA GLY A 27 -2.18 7.58 13.29
C GLY A 27 -2.51 7.78 14.76
N PRO A 29 -4.19 9.84 17.89
CA PRO A 29 -5.42 10.61 18.05
C PRO A 29 -5.26 12.08 17.67
N ASN A 30 -6.17 12.58 16.84
CA ASN A 30 -6.16 13.97 16.38
C ASN A 30 -5.03 14.39 15.44
N VAL A 31 -4.88 13.71 14.31
CA VAL A 31 -3.83 14.09 13.35
C VAL A 31 -4.37 14.38 11.95
N GLY A 32 -5.67 14.14 11.74
CA GLY A 32 -6.28 14.38 10.44
C GLY A 32 -6.70 13.08 9.75
N LYS A 33 -6.61 11.98 10.49
CA LYS A 33 -7.00 10.69 9.96
C LYS A 33 -8.37 10.64 9.33
N SER A 34 -9.37 11.10 10.08
CA SER A 34 -10.74 11.06 9.57
C SER A 34 -10.97 12.05 8.46
N THR A 35 -10.39 13.24 8.61
CA THR A 35 -10.54 14.26 7.59
C THR A 35 -9.77 13.87 6.34
N PHE A 36 -8.66 13.14 6.49
CA PHE A 36 -7.86 12.70 5.37
C PHE A 36 -8.65 11.67 4.58
N PHE A 37 -9.28 10.76 5.31
CA PHE A 37 -10.08 9.72 4.69
C PHE A 37 -11.27 10.32 3.93
N ARG A 38 -12.06 11.12 4.63
CA ARG A 38 -13.22 11.75 3.99
C ARG A 38 -12.79 12.51 2.75
N ALA A 39 -11.57 13.06 2.77
CA ALA A 39 -11.01 13.81 1.65
C ALA A 39 -10.82 12.88 0.46
N ILE A 40 -10.15 11.76 0.70
CA ILE A 40 -9.90 10.77 -0.33
C ILE A 40 -11.25 10.38 -0.94
N THR A 41 -12.15 9.91 -0.10
CA THR A 41 -13.48 9.49 -0.53
C THR A 41 -14.20 10.58 -1.32
N LYS A 42 -13.84 11.83 -1.06
CA LYS A 42 -14.47 12.98 -1.72
C LYS A 42 -13.85 13.47 -3.03
N SER A 43 -12.57 13.19 -3.27
CA SER A 43 -11.90 13.62 -4.49
C SER A 43 -12.37 12.83 -5.68
N VAL A 44 -11.76 13.11 -6.84
CA VAL A 44 -12.10 12.41 -8.07
C VAL A 44 -11.56 11.00 -8.03
N LEU A 45 -10.46 10.80 -7.31
CA LEU A 45 -9.84 9.50 -7.23
C LEU A 45 -10.53 8.54 -6.28
N GLY A 46 -11.09 9.06 -5.20
CA GLY A 46 -11.75 8.19 -4.25
C GLY A 46 -13.26 8.33 -4.24
N ASN A 47 -13.79 9.28 -5.00
CA ASN A 47 -15.23 9.48 -5.05
C ASN A 47 -15.88 8.17 -5.45
N PRO A 48 -17.01 7.81 -4.81
CA PRO A 48 -17.69 6.57 -5.16
C PRO A 48 -18.28 6.63 -6.58
N ALA A 49 -17.60 7.38 -7.44
CA ALA A 49 -17.97 7.55 -8.85
C ALA A 49 -18.05 6.16 -9.43
N ASN A 50 -16.99 5.39 -9.21
CA ASN A 50 -16.93 4.02 -9.69
C ASN A 50 -18.21 3.33 -9.22
N TYR A 51 -19.15 3.14 -10.13
CA TYR A 51 -20.41 2.51 -9.75
C TYR A 51 -20.59 1.08 -10.25
N PRO A 52 -19.81 0.15 -9.68
CA PRO A 52 -19.95 -1.25 -10.11
C PRO A 52 -21.02 -1.82 -9.18
N TYR A 53 -21.77 -0.90 -8.57
CA TYR A 53 -22.83 -1.22 -7.62
C TYR A 53 -22.20 -1.94 -6.43
N ALA A 54 -20.87 -1.87 -6.35
CA ALA A 54 -20.12 -2.52 -5.28
C ALA A 54 -20.54 -2.00 -3.91
N THR A 55 -20.97 -0.74 -3.85
CA THR A 55 -21.39 -0.13 -2.61
C THR A 55 -20.37 -0.46 -1.54
N ILE A 56 -19.20 0.17 -1.66
CA ILE A 56 -18.09 -0.02 -0.74
C ILE A 56 -18.57 0.17 0.70
N ASP A 57 -17.80 -0.36 1.65
CA ASP A 57 -18.14 -0.20 3.06
C ASP A 57 -17.71 1.20 3.49
N PRO A 58 -18.48 1.82 4.40
CA PRO A 58 -18.21 3.16 4.90
C PRO A 58 -16.75 3.43 5.30
N GLU A 59 -16.11 2.47 5.96
CA GLU A 59 -14.71 2.67 6.37
C GLU A 59 -13.73 2.23 5.30
N GLU A 60 -14.26 1.82 4.15
CA GLU A 60 -13.43 1.39 3.04
C GLU A 60 -13.55 2.36 1.87
N ALA A 61 -12.42 2.70 1.29
CA ALA A 61 -12.39 3.58 0.14
C ALA A 61 -11.63 2.89 -0.99
N LYS A 62 -12.22 2.90 -2.19
CA LYS A 62 -11.60 2.31 -3.39
C LYS A 62 -11.05 3.49 -4.17
N VAL A 63 -9.79 3.85 -3.97
CA VAL A 63 -9.22 4.99 -4.68
C VAL A 63 -8.65 4.58 -6.04
N ALA A 64 -8.98 5.33 -7.08
CA ALA A 64 -8.49 5.00 -8.41
C ALA A 64 -7.01 5.27 -8.52
N VAL A 65 -6.26 4.28 -9.00
CA VAL A 65 -4.82 4.42 -9.15
C VAL A 65 -4.53 5.23 -10.40
N PRO A 66 -3.82 6.35 -10.25
CA PRO A 66 -3.51 7.18 -11.42
C PRO A 66 -2.43 6.53 -12.29
N ASP A 67 -2.65 6.59 -13.60
CA ASP A 67 -1.69 5.99 -14.53
C ASP A 67 -1.82 6.49 -15.96
N GLU A 68 -0.92 7.38 -16.32
CA GLU A 68 -0.91 7.98 -17.63
C GLU A 68 -1.11 6.95 -18.75
N ARG A 69 -0.57 5.75 -18.56
CA ARG A 69 -0.75 4.72 -19.56
C ARG A 69 -2.25 4.51 -19.73
N PHE A 70 -2.95 4.28 -18.62
CA PHE A 70 -4.39 4.08 -18.66
C PHE A 70 -5.02 5.28 -19.38
N ASP A 71 -4.55 6.47 -19.03
CA ASP A 71 -5.02 7.71 -19.63
C ASP A 71 -4.99 7.65 -21.14
N TRP A 72 -3.78 7.43 -21.68
CA TRP A 72 -3.52 7.34 -23.12
C TRP A 72 -4.39 6.28 -23.79
N LEU A 73 -4.30 5.07 -23.25
CA LEU A 73 -5.08 3.97 -23.77
C LEU A 73 -6.54 4.36 -23.87
N CYS A 74 -7.04 5.03 -22.85
CA CYS A 74 -8.45 5.44 -22.90
C CYS A 74 -8.66 6.38 -24.08
N GLU A 75 -7.78 7.37 -24.23
CA GLU A 75 -7.89 8.33 -25.32
C GLU A 75 -7.74 7.70 -26.70
N ALA A 76 -6.90 6.68 -26.75
CA ALA A 76 -6.61 5.95 -27.97
C ALA A 76 -7.75 5.06 -28.47
N TYR A 77 -8.42 4.36 -27.55
CA TYR A 77 -9.52 3.49 -27.91
C TYR A 77 -10.84 4.17 -27.72
N LYS A 78 -10.86 5.17 -26.84
CA LYS A 78 -12.08 5.89 -26.54
C LYS A 78 -13.24 4.91 -26.37
N PRO A 79 -13.20 4.13 -25.29
CA PRO A 79 -14.23 3.12 -24.99
C PRO A 79 -15.44 3.71 -24.26
N LYS A 80 -16.56 3.01 -24.38
CA LYS A 80 -17.79 3.41 -23.73
C LYS A 80 -17.56 3.40 -22.23
N SER A 81 -16.72 2.45 -21.81
CA SER A 81 -16.41 2.26 -20.40
C SER A 81 -14.92 2.29 -20.10
N ARG A 82 -14.56 2.96 -19.00
CA ARG A 82 -13.16 3.05 -18.60
C ARG A 82 -13.09 2.67 -17.13
N VAL A 83 -12.39 1.58 -16.84
CA VAL A 83 -12.26 1.16 -15.46
C VAL A 83 -10.79 1.16 -15.05
N PRO A 84 -10.42 2.10 -14.18
CA PRO A 84 -9.05 2.25 -13.69
C PRO A 84 -8.73 1.18 -12.65
N ALA A 85 -7.49 1.14 -12.21
CA ALA A 85 -7.08 0.18 -11.20
C ALA A 85 -7.56 0.79 -9.89
N PHE A 86 -7.45 0.04 -8.79
CA PHE A 86 -7.87 0.57 -7.52
C PHE A 86 -7.03 0.16 -6.34
N LEU A 87 -6.71 1.14 -5.49
CA LEU A 87 -5.96 0.90 -4.25
C LEU A 87 -6.98 0.99 -3.12
N THR A 88 -7.07 -0.07 -2.33
CA THR A 88 -7.99 -0.11 -1.21
C THR A 88 -7.36 0.62 -0.02
N VAL A 89 -8.14 1.51 0.61
CA VAL A 89 -7.64 2.25 1.75
C VAL A 89 -8.64 2.17 2.90
N PHE A 90 -8.21 1.62 4.02
CA PHE A 90 -9.08 1.48 5.19
C PHE A 90 -8.91 2.50 6.28
N ASP A 91 -10.06 2.94 6.79
CA ASP A 91 -10.13 3.91 7.87
C ASP A 91 -10.14 3.16 9.20
N ILE A 92 -8.97 2.67 9.59
CA ILE A 92 -8.78 1.93 10.83
C ILE A 92 -9.54 2.59 11.99
N ALA A 93 -9.30 3.88 12.21
CA ALA A 93 -9.98 4.58 13.29
C ALA A 93 -11.49 4.37 13.18
N GLY A 94 -12.06 4.63 12.02
CA GLY A 94 -13.48 4.45 11.85
C GLY A 94 -14.00 3.07 12.19
N LEU A 95 -13.14 2.06 12.07
CA LEU A 95 -13.53 0.67 12.34
C LEU A 95 -13.52 0.31 13.81
N THR A 96 -13.37 1.30 14.66
CA THR A 96 -13.35 1.08 16.10
C THR A 96 -13.58 2.40 16.79
N LYS A 97 -14.82 2.68 17.20
CA LYS A 97 -15.06 3.96 17.86
C LYS A 97 -14.17 4.14 19.09
N GLY A 98 -13.96 3.06 19.82
CA GLY A 98 -13.14 3.14 21.01
C GLY A 98 -11.86 3.95 20.90
N ALA A 99 -11.56 4.70 21.96
CA ALA A 99 -10.34 5.51 21.99
C ALA A 99 -9.43 4.91 23.05
N SER A 100 -8.53 4.03 22.63
CA SER A 100 -7.60 3.35 23.52
C SER A 100 -7.20 4.11 24.78
N THR A 101 -7.09 3.37 25.87
CA THR A 101 -6.70 3.96 27.15
C THR A 101 -5.19 4.04 27.18
N GLY A 102 -4.55 3.14 26.42
CA GLY A 102 -3.11 3.11 26.35
C GLY A 102 -2.58 4.37 25.70
N VAL A 103 -1.30 4.66 25.94
CA VAL A 103 -0.66 5.84 25.38
C VAL A 103 -0.55 5.79 23.86
N GLY A 104 -0.58 4.59 23.30
CA GLY A 104 -0.47 4.42 21.87
C GLY A 104 -1.77 4.27 21.12
N LEU A 105 -1.81 3.27 20.23
CA LEU A 105 -2.96 2.99 19.39
C LEU A 105 -3.99 2.10 20.07
N GLY A 106 -3.51 1.15 20.86
CA GLY A 106 -4.42 0.25 21.53
C GLY A 106 -4.47 -1.10 20.86
N ASN A 107 -5.02 -2.07 21.57
CA ASN A 107 -5.12 -3.44 21.07
C ASN A 107 -6.24 -3.59 20.05
N ALA A 108 -7.30 -2.82 20.20
CA ALA A 108 -8.41 -2.91 19.26
C ALA A 108 -7.98 -2.34 17.91
N PHE A 109 -7.50 -1.10 17.95
CA PHE A 109 -7.04 -0.40 16.75
C PHE A 109 -6.12 -1.33 15.99
N LEU A 110 -5.15 -1.90 16.69
CA LEU A 110 -4.24 -2.82 16.06
C LEU A 110 -4.93 -4.07 15.51
N SER A 111 -5.90 -4.62 16.24
CA SER A 111 -6.56 -5.82 15.73
C SER A 111 -7.08 -5.67 14.29
N HIS A 112 -7.36 -4.43 13.90
CA HIS A 112 -7.85 -4.12 12.55
C HIS A 112 -6.73 -3.87 11.57
N VAL A 113 -5.65 -3.31 12.09
CA VAL A 113 -4.48 -3.03 11.29
C VAL A 113 -3.95 -4.35 10.74
N ARG A 114 -4.01 -5.40 11.56
CA ARG A 114 -3.53 -6.71 11.16
C ARG A 114 -4.17 -7.19 9.88
N ALA A 115 -5.39 -6.75 9.62
CA ALA A 115 -6.09 -7.20 8.43
C ALA A 115 -5.67 -6.43 7.20
N VAL A 116 -4.66 -5.58 7.37
CA VAL A 116 -4.18 -4.74 6.27
C VAL A 116 -2.76 -5.18 5.83
N ASP A 117 -2.23 -4.62 4.74
CA ASP A 117 -0.92 -5.01 4.25
C ASP A 117 0.12 -3.89 4.11
N ALA A 118 -0.35 -2.64 4.11
CA ALA A 118 0.50 -1.47 4.00
C ALA A 118 -0.10 -0.34 4.85
N ILE A 119 0.73 0.23 5.71
CA ILE A 119 0.31 1.29 6.61
C ILE A 119 0.60 2.71 6.14
N TYR A 120 -0.40 3.56 6.30
CA TYR A 120 -0.29 4.96 5.96
C TYR A 120 -0.25 5.68 7.31
N GLN A 121 0.95 6.02 7.77
CA GLN A 121 1.12 6.67 9.07
C GLN A 121 1.10 8.18 9.02
N VAL A 122 -0.01 8.76 9.49
CA VAL A 122 -0.16 10.20 9.49
C VAL A 122 0.58 10.93 10.62
N VAL A 123 1.67 11.62 10.28
CA VAL A 123 2.45 12.37 11.26
C VAL A 123 1.94 13.81 11.35
N ARG A 124 1.73 14.28 12.58
CA ARG A 124 1.24 15.65 12.77
C ARG A 124 2.36 16.67 12.83
N ALA A 125 2.20 17.73 12.05
CA ALA A 125 3.18 18.81 11.96
C ALA A 125 2.44 20.14 12.02
N PHE A 126 1.31 20.14 12.71
CA PHE A 126 0.53 21.35 12.86
C PHE A 126 0.12 21.41 14.31
N ASP A 127 -0.18 22.62 14.78
CA ASP A 127 -0.59 22.83 16.16
C ASP A 127 -1.75 23.84 16.28
N ASP A 128 -2.42 24.10 15.15
CA ASP A 128 -3.54 25.04 15.10
C ASP A 128 -4.66 24.66 16.07
N ALA A 129 -4.49 23.54 16.77
CA ALA A 129 -5.48 23.08 17.72
C ALA A 129 -5.08 23.56 19.12
N GLU A 130 -4.21 24.57 19.17
CA GLU A 130 -3.77 25.13 20.44
C GLU A 130 -4.27 26.55 20.68
N ILE A 131 -4.83 26.77 21.87
CA ILE A 131 -5.35 28.09 22.28
C ILE A 131 -4.20 28.82 22.96
N ILE A 132 -3.50 28.07 23.80
CA ILE A 132 -2.36 28.57 24.55
C ILE A 132 -1.24 27.55 24.31
N HIS A 133 0.00 28.00 24.26
CA HIS A 133 1.12 27.10 24.05
C HIS A 133 1.80 26.64 25.33
N VAL A 134 2.08 25.35 25.42
CA VAL A 134 2.75 24.75 26.58
C VAL A 134 4.21 24.47 26.22
N GLU A 135 4.50 24.47 24.92
CA GLU A 135 5.86 24.22 24.40
C GLU A 135 6.33 22.83 24.83
N GLY A 136 5.95 21.84 24.03
CA GLY A 136 6.30 20.46 24.32
C GLY A 136 5.05 19.59 24.28
N ASP A 137 3.90 20.24 24.11
CA ASP A 137 2.62 19.55 24.07
C ASP A 137 2.53 18.69 22.82
N VAL A 138 2.40 19.36 21.67
CA VAL A 138 2.29 18.67 20.39
C VAL A 138 3.68 18.40 19.81
N ASP A 139 4.18 17.19 20.04
CA ASP A 139 5.49 16.79 19.57
C ASP A 139 5.38 15.51 18.73
N PRO A 140 5.61 15.62 17.42
CA PRO A 140 5.54 14.48 16.50
C PRO A 140 6.57 13.39 16.81
N ILE A 141 7.83 13.80 16.93
CA ILE A 141 8.91 12.87 17.24
C ILE A 141 8.53 11.92 18.35
N ARG A 142 7.90 12.42 19.41
CA ARG A 142 7.49 11.56 20.50
C ARG A 142 6.53 10.49 20.00
N ASP A 143 5.41 10.94 19.45
CA ASP A 143 4.35 10.06 18.93
C ASP A 143 4.89 9.07 17.88
N LEU A 144 5.82 9.54 17.07
CA LEU A 144 6.43 8.72 16.05
C LEU A 144 7.09 7.50 16.66
N SER A 145 7.80 7.71 17.77
CA SER A 145 8.48 6.63 18.45
C SER A 145 7.49 5.70 19.18
N ILE A 146 6.45 6.30 19.75
CA ILE A 146 5.44 5.53 20.47
C ILE A 146 4.90 4.37 19.62
N ILE A 147 4.28 4.73 18.51
CA ILE A 147 3.71 3.75 17.58
C ILE A 147 4.70 2.61 17.29
N VAL A 148 5.92 2.96 16.89
CA VAL A 148 6.91 1.94 16.62
C VAL A 148 7.02 0.97 17.79
N ASP A 149 7.39 1.51 18.94
CA ASP A 149 7.57 0.71 20.16
C ASP A 149 6.34 -0.12 20.45
N GLU A 150 5.17 0.45 20.24
CA GLU A 150 3.95 -0.31 20.48
C GLU A 150 3.97 -1.48 19.50
N LEU A 151 4.23 -1.22 18.22
CA LEU A 151 4.24 -2.31 17.26
C LEU A 151 5.28 -3.37 17.63
N LEU A 152 6.49 -2.93 17.95
CA LEU A 152 7.54 -3.87 18.32
C LEU A 152 7.12 -4.74 19.49
N ILE A 153 6.54 -4.13 20.53
CA ILE A 153 6.12 -4.94 21.66
C ILE A 153 5.17 -6.04 21.23
N LYS A 154 4.11 -5.66 20.52
CA LYS A 154 3.16 -6.66 20.04
C LYS A 154 3.88 -7.83 19.35
N ASP A 155 4.52 -7.57 18.22
CA ASP A 155 5.22 -8.62 17.52
C ASP A 155 6.15 -9.39 18.44
N ALA A 156 6.79 -8.68 19.35
CA ALA A 156 7.71 -9.28 20.30
C ALA A 156 6.96 -10.28 21.15
N GLU A 157 5.85 -9.82 21.71
CA GLU A 157 5.02 -10.70 22.52
C GLU A 157 4.54 -11.87 21.67
N PHE A 158 3.96 -11.58 20.51
CA PHE A 158 3.47 -12.64 19.65
C PHE A 158 4.53 -13.70 19.42
N VAL A 159 5.72 -13.27 19.07
CA VAL A 159 6.82 -14.20 18.83
C VAL A 159 7.07 -15.01 20.10
N GLU A 160 7.31 -14.29 21.19
CA GLU A 160 7.56 -14.90 22.50
C GLU A 160 6.61 -16.08 22.72
N LYS A 161 5.32 -15.81 22.61
CA LYS A 161 4.31 -16.84 22.81
C LYS A 161 4.45 -17.94 21.78
N HIS A 162 4.44 -17.56 20.51
CA HIS A 162 4.56 -18.55 19.45
C HIS A 162 5.83 -19.37 19.63
N LEU A 163 6.92 -18.70 19.99
CA LEU A 163 8.20 -19.35 20.22
C LEU A 163 8.06 -20.29 21.40
N GLU A 164 7.28 -19.87 22.40
CA GLU A 164 7.02 -20.70 23.57
C GLU A 164 6.34 -21.99 23.11
N GLY A 165 5.45 -21.87 22.13
CA GLY A 165 4.73 -23.02 21.62
C GLY A 165 5.61 -24.05 20.93
N LEU A 166 6.62 -23.58 20.21
CA LEU A 166 7.52 -24.45 19.50
C LEU A 166 8.52 -25.14 20.43
N ARG A 167 8.74 -24.58 21.60
CA ARG A 167 9.68 -25.18 22.54
C ARG A 167 9.10 -26.50 23.06
N LYS A 168 7.76 -26.57 23.08
CA LYS A 168 7.06 -27.76 23.52
C LYS A 168 7.52 -28.95 22.68
N ILE A 169 6.97 -29.06 21.47
CA ILE A 169 7.31 -30.15 20.56
C ILE A 169 8.77 -30.08 20.12
N THR A 170 9.68 -30.29 21.05
CA THR A 170 11.12 -30.25 20.73
C THR A 170 11.87 -31.23 21.65
N SER A 171 11.11 -32.03 22.38
CA SER A 171 11.68 -33.03 23.29
C SER A 171 12.38 -34.12 22.48
N ARG A 172 13.58 -34.50 22.91
CA ARG A 172 14.38 -35.51 22.21
C ARG A 172 13.79 -36.91 22.30
N GLY A 173 14.62 -37.92 22.01
CA GLY A 173 14.17 -39.31 22.05
C GLY A 173 13.50 -39.63 20.73
N ALA A 174 14.13 -40.49 19.93
CA ALA A 174 13.62 -40.86 18.61
C ALA A 174 13.42 -39.56 17.81
N ASN A 175 14.29 -38.59 18.10
CA ASN A 175 14.27 -37.28 17.45
C ASN A 175 15.35 -37.15 16.38
N THR A 176 15.51 -35.93 15.85
CA THR A 176 16.50 -35.62 14.80
C THR A 176 16.06 -36.24 13.47
N LEU A 177 14.99 -37.04 13.51
CA LEU A 177 14.44 -37.71 12.34
C LEU A 177 13.44 -36.79 11.64
N GLU A 178 12.91 -35.83 12.38
CA GLU A 178 11.93 -34.90 11.83
C GLU A 178 11.86 -33.66 12.68
N LYS A 180 14.45 -32.01 13.85
CA LYS A 180 15.46 -31.10 13.33
C LYS A 180 14.86 -30.14 12.29
N ALA A 181 13.78 -30.58 11.64
CA ALA A 181 13.13 -29.76 10.64
C ALA A 181 12.50 -28.55 11.35
N LYS A 182 11.66 -28.84 12.33
CA LYS A 182 10.99 -27.79 13.08
C LYS A 182 11.96 -27.00 13.95
N LYS A 183 13.08 -27.62 14.33
CA LYS A 183 14.07 -26.94 15.16
C LYS A 183 14.69 -25.76 14.42
N GLU A 184 15.04 -25.97 13.16
CA GLU A 184 15.63 -24.92 12.34
C GLU A 184 14.69 -23.71 12.38
N GLU A 185 13.39 -23.99 12.40
CA GLU A 185 12.36 -22.95 12.45
C GLU A 185 12.44 -22.18 13.76
N GLN A 186 12.66 -22.92 14.84
CA GLN A 186 12.75 -22.34 16.17
C GLN A 186 13.99 -21.46 16.26
N ALA A 187 15.07 -21.88 15.61
CA ALA A 187 16.30 -21.10 15.64
C ALA A 187 16.06 -19.76 14.93
N ILE A 188 15.24 -19.79 13.89
CA ILE A 188 14.92 -18.61 13.11
C ILE A 188 13.95 -17.72 13.89
N ILE A 189 12.87 -18.31 14.40
CA ILE A 189 11.92 -17.52 15.16
C ILE A 189 12.72 -16.82 16.27
N GLU A 190 13.74 -17.49 16.75
CA GLU A 190 14.60 -16.95 17.80
C GLU A 190 15.23 -15.65 17.33
N LYS A 191 15.78 -15.66 16.12
CA LYS A 191 16.40 -14.46 15.54
C LYS A 191 15.34 -13.37 15.36
N VAL A 192 14.15 -13.76 14.92
CA VAL A 192 13.05 -12.81 14.71
C VAL A 192 12.81 -12.07 16.02
N TYR A 193 12.82 -12.81 17.13
CA TYR A 193 12.62 -12.23 18.44
C TYR A 193 13.82 -11.36 18.74
N GLN A 194 14.99 -11.97 18.68
CA GLN A 194 16.26 -11.28 18.90
C GLN A 194 16.20 -9.89 18.26
N TYR A 195 15.81 -9.85 16.99
CA TYR A 195 15.73 -8.60 16.23
C TYR A 195 14.73 -7.65 16.89
N LEU A 196 13.48 -8.09 16.96
CA LEU A 196 12.41 -7.28 17.54
C LEU A 196 12.76 -6.71 18.90
N THR A 197 13.60 -7.42 19.65
CA THR A 197 13.97 -6.97 20.96
C THR A 197 15.35 -6.33 21.06
N GLU A 198 16.37 -7.03 20.61
CA GLU A 198 17.73 -6.52 20.66
C GLU A 198 17.88 -5.34 19.70
N THR A 199 17.95 -5.65 18.41
CA THR A 199 18.10 -4.64 17.38
C THR A 199 17.07 -3.53 17.54
N LYS A 200 15.92 -3.87 18.10
CA LYS A 200 14.83 -2.91 18.33
C LYS A 200 14.36 -2.17 17.08
N GLN A 201 14.26 -2.89 15.97
CA GLN A 201 13.80 -2.32 14.68
C GLN A 201 12.74 -3.19 14.01
N PRO A 202 11.81 -2.57 13.26
CA PRO A 202 10.77 -3.34 12.58
C PRO A 202 11.34 -4.44 11.73
N ILE A 203 10.74 -5.63 11.86
CA ILE A 203 11.19 -6.83 11.14
C ILE A 203 11.37 -6.63 9.64
N ARG A 204 10.55 -5.75 9.04
CA ARG A 204 10.64 -5.52 7.62
C ARG A 204 12.00 -4.91 7.24
N LYS A 205 12.77 -4.52 8.24
CA LYS A 205 14.07 -3.90 8.01
C LYS A 205 15.27 -4.83 8.14
N GLY A 206 15.04 -6.03 8.67
CA GLY A 206 16.12 -6.96 8.82
C GLY A 206 16.61 -7.47 7.48
N ASP A 207 17.71 -8.20 7.51
CA ASP A 207 18.31 -8.78 6.32
C ASP A 207 18.05 -10.27 6.44
N TRP A 208 16.91 -10.72 5.93
CA TRP A 208 16.57 -12.13 6.01
C TRP A 208 16.75 -12.84 4.68
N SER A 209 16.79 -14.16 4.75
CA SER A 209 16.94 -14.98 3.55
C SER A 209 15.54 -15.33 3.07
N ASN A 210 15.44 -15.89 1.86
CA ASN A 210 14.13 -16.25 1.33
C ASN A 210 13.38 -17.18 2.28
N ARG A 211 14.08 -18.15 2.87
CA ARG A 211 13.47 -19.07 3.82
C ARG A 211 12.96 -18.32 5.03
N GLU A 212 13.79 -17.45 5.58
CA GLU A 212 13.44 -16.67 6.76
C GLU A 212 12.26 -15.76 6.48
N VAL A 213 12.24 -15.18 5.29
CA VAL A 213 11.14 -14.31 4.90
C VAL A 213 9.87 -15.14 4.89
N GLU A 214 10.00 -16.34 4.35
CA GLU A 214 8.89 -17.27 4.26
C GLU A 214 8.30 -17.54 5.64
N ILE A 215 9.16 -17.92 6.58
CA ILE A 215 8.70 -18.20 7.93
C ILE A 215 8.04 -16.98 8.51
N ILE A 216 8.75 -15.86 8.52
CA ILE A 216 8.18 -14.65 9.06
C ILE A 216 6.76 -14.39 8.53
N ASN A 217 6.57 -14.38 7.21
CA ASN A 217 5.22 -14.14 6.66
C ASN A 217 4.12 -14.93 7.36
N SER A 218 4.45 -16.14 7.81
CA SER A 218 3.48 -16.97 8.48
C SER A 218 3.13 -16.37 9.83
N LEU A 219 3.86 -15.35 10.27
CA LEU A 219 3.55 -14.75 11.56
C LEU A 219 2.70 -13.49 11.47
N TYR A 220 2.46 -13.04 10.25
CA TYR A 220 1.66 -11.84 10.00
C TYR A 220 1.98 -10.71 10.98
N LEU A 221 3.27 -10.47 11.20
CA LEU A 221 3.70 -9.43 12.12
C LEU A 221 3.29 -8.03 11.70
N LEU A 222 2.96 -7.21 12.68
CA LEU A 222 2.56 -5.84 12.42
C LEU A 222 3.73 -5.10 11.78
N THR A 223 4.89 -5.33 12.38
CA THR A 223 6.15 -4.71 11.98
C THR A 223 6.74 -5.26 10.66
N ALA A 224 5.96 -6.06 9.95
CA ALA A 224 6.36 -6.63 8.66
C ALA A 224 5.81 -5.76 7.53
N LYS A 225 4.65 -5.17 7.75
CA LYS A 225 4.00 -4.34 6.73
C LYS A 225 4.76 -3.06 6.40
N PRO A 226 4.88 -2.73 5.10
CA PRO A 226 5.61 -1.50 4.84
C PRO A 226 4.81 -0.30 5.35
N VAL A 227 5.49 0.80 5.61
CA VAL A 227 4.83 1.99 6.13
C VAL A 227 5.14 3.22 5.30
N ILE A 228 4.14 4.06 5.09
CA ILE A 228 4.33 5.27 4.30
C ILE A 228 3.91 6.44 5.17
N TYR A 229 4.85 7.31 5.49
CA TYR A 229 4.57 8.46 6.35
C TYR A 229 3.95 9.67 5.66
N LEU A 230 2.80 10.09 6.15
CA LEU A 230 2.13 11.25 5.61
C LEU A 230 2.21 12.37 6.64
N VAL A 231 3.16 13.29 6.45
CA VAL A 231 3.34 14.42 7.37
C VAL A 231 2.30 15.50 7.08
N ASN A 232 1.21 15.49 7.84
CA ASN A 232 0.12 16.44 7.65
C ASN A 232 0.41 17.79 8.30
N SER A 234 -0.31 22.41 7.84
CA SER A 234 -1.29 23.40 7.41
C SER A 234 -1.16 23.83 5.96
N GLU A 235 -2.27 24.21 5.33
CA GLU A 235 -2.24 24.61 3.94
C GLU A 235 -1.12 25.63 3.79
N ARG A 236 -1.11 26.60 4.70
CA ARG A 236 -0.09 27.66 4.71
C ARG A 236 1.32 27.04 4.65
N ASP A 237 1.66 26.17 5.60
CA ASP A 237 2.98 25.56 5.56
C ASP A 237 3.24 24.80 4.26
N PHE A 238 2.24 24.05 3.81
CA PHE A 238 2.36 23.25 2.60
C PHE A 238 2.52 24.10 1.33
N LEU A 239 1.86 25.25 1.28
CA LEU A 239 1.96 26.09 0.11
C LEU A 239 3.24 26.90 0.08
N ARG A 240 4.08 26.78 1.10
CA ARG A 240 5.35 27.52 1.12
C ARG A 240 6.51 26.55 1.29
N GLN A 241 6.25 25.27 1.09
CA GLN A 241 7.24 24.22 1.19
C GLN A 241 8.17 24.27 2.39
N LYS A 242 7.66 24.81 3.50
CA LYS A 242 8.46 24.93 4.72
C LYS A 242 7.64 24.65 5.99
N ASN A 243 8.12 23.74 6.83
CA ASN A 243 7.41 23.40 8.06
C ASN A 243 8.26 23.55 9.31
N LYS A 244 7.60 23.56 10.47
CA LYS A 244 8.30 23.71 11.73
C LYS A 244 8.90 22.39 12.22
N TYR A 245 8.18 21.29 12.01
CA TYR A 245 8.67 19.98 12.47
C TYR A 245 9.25 19.11 11.36
N LEU A 246 8.96 19.46 10.12
CA LEU A 246 9.42 18.69 8.98
C LEU A 246 10.87 18.22 9.05
N PRO A 247 11.84 19.15 9.12
CA PRO A 247 13.24 18.73 9.18
C PRO A 247 13.51 17.69 10.26
N LYS A 248 12.98 17.95 11.45
CA LYS A 248 13.16 17.06 12.58
C LYS A 248 12.62 15.67 12.24
N ILE A 249 11.33 15.63 11.91
CA ILE A 249 10.65 14.37 11.54
C ILE A 249 11.46 13.57 10.51
N LYS A 250 11.95 14.27 9.50
CA LYS A 250 12.74 13.64 8.45
C LYS A 250 13.88 12.82 9.03
N LYS A 251 14.77 13.49 9.74
CA LYS A 251 15.92 12.81 10.34
C LYS A 251 15.54 11.62 11.20
N TRP A 252 14.58 11.82 12.09
CA TRP A 252 14.13 10.76 12.95
C TRP A 252 13.90 9.51 12.12
N ILE A 253 13.20 9.69 11.01
CA ILE A 253 12.89 8.56 10.14
C ILE A 253 14.15 7.83 9.71
N ASP A 254 15.16 8.59 9.30
CA ASP A 254 16.43 8.05 8.86
C ASP A 254 17.17 7.31 9.97
N GLU A 255 16.77 7.55 11.21
CA GLU A 255 17.43 6.91 12.33
C GLU A 255 16.51 6.00 13.12
N ASN A 256 15.47 5.48 12.49
CA ASN A 256 14.54 4.62 13.21
C ASN A 256 13.73 3.73 12.28
N SER A 257 13.48 4.25 11.08
CA SER A 257 12.74 3.53 10.09
C SER A 257 13.24 4.08 8.76
N PRO A 258 14.48 3.72 8.40
CA PRO A 258 15.10 4.18 7.16
C PRO A 258 14.46 3.58 5.92
N GLY A 259 14.51 4.33 4.84
CA GLY A 259 13.96 3.87 3.57
C GLY A 259 12.52 4.24 3.35
N ASP A 260 11.73 4.22 4.41
CA ASP A 260 10.32 4.53 4.33
C ASP A 260 10.03 5.90 3.71
N THR A 261 9.08 5.92 2.80
CA THR A 261 8.70 7.14 2.10
C THR A 261 8.11 8.18 3.03
N LEU A 262 8.48 9.42 2.80
CA LEU A 262 7.99 10.52 3.60
C LEU A 262 7.32 11.55 2.67
N ILE A 263 6.00 11.64 2.75
CA ILE A 263 5.22 12.55 1.92
C ILE A 263 4.61 13.74 2.67
N PRO A 264 5.25 14.93 2.59
CA PRO A 264 4.70 16.10 3.28
C PRO A 264 3.42 16.49 2.57
N SER A 266 -0.98 18.17 3.29
CA SER A 266 -1.87 19.04 4.03
C SER A 266 -3.34 18.61 3.82
N VAL A 267 -3.82 17.75 4.71
CA VAL A 267 -5.19 17.25 4.64
C VAL A 267 -6.19 18.39 4.46
N ALA A 268 -5.85 19.54 5.03
CA ALA A 268 -6.67 20.73 4.96
C ALA A 268 -6.79 21.19 3.53
N PHE A 269 -5.63 21.21 2.86
CA PHE A 269 -5.55 21.64 1.47
C PHE A 269 -6.18 20.63 0.55
N GLU A 270 -5.84 19.35 0.74
CA GLU A 270 -6.39 18.31 -0.10
C GLU A 270 -7.91 18.46 -0.05
N GLU A 271 -8.43 18.51 1.18
CA GLU A 271 -9.87 18.67 1.37
C GLU A 271 -10.43 19.80 0.52
N ARG A 272 -9.88 21.00 0.71
CA ARG A 272 -10.35 22.16 -0.04
C ARG A 272 -10.32 21.97 -1.55
N LEU A 273 -9.35 21.20 -2.03
CA LEU A 273 -9.24 20.98 -3.46
C LEU A 273 -10.41 20.18 -4.05
N THR A 274 -10.99 19.32 -3.23
CA THR A 274 -12.11 18.51 -3.70
C THR A 274 -13.29 19.40 -4.07
N ASN A 275 -13.23 20.67 -3.71
CA ASN A 275 -14.35 21.57 -4.03
C ASN A 275 -14.20 22.12 -5.42
N PHE A 276 -13.13 21.73 -6.07
CA PHE A 276 -12.87 22.20 -7.41
C PHE A 276 -13.00 21.07 -8.40
N THR A 277 -13.39 21.45 -9.61
CA THR A 277 -13.54 20.49 -10.68
C THR A 277 -12.13 20.14 -11.12
N GLU A 278 -11.99 18.98 -11.74
CA GLU A 278 -10.69 18.50 -12.19
C GLU A 278 -9.88 19.64 -12.84
N GLU A 279 -10.58 20.48 -13.60
CA GLU A 279 -9.97 21.61 -14.30
C GLU A 279 -9.53 22.69 -13.30
N GLU A 280 -10.53 23.34 -12.68
CA GLU A 280 -10.32 24.41 -11.70
C GLU A 280 -9.25 24.04 -10.71
N ALA A 281 -9.28 22.78 -10.30
CA ALA A 281 -8.31 22.27 -9.35
C ALA A 281 -6.91 22.56 -9.87
N ILE A 282 -6.73 22.41 -11.18
CA ILE A 282 -5.42 22.66 -11.80
C ILE A 282 -5.11 24.15 -11.80
N GLU A 283 -6.04 24.96 -12.28
CA GLU A 283 -5.85 26.41 -12.33
C GLU A 283 -5.44 26.95 -10.96
N GLU A 284 -6.17 26.53 -9.93
CA GLU A 284 -5.95 26.92 -8.54
C GLU A 284 -4.59 26.44 -8.08
N CYS A 285 -4.26 25.20 -8.45
CA CYS A 285 -2.99 24.61 -8.09
C CYS A 285 -1.85 25.37 -8.76
N LYS A 286 -2.10 25.87 -9.97
CA LYS A 286 -1.06 26.61 -10.68
C LYS A 286 -0.86 27.99 -10.05
N LYS A 287 -1.95 28.70 -9.82
CA LYS A 287 -1.88 30.03 -9.22
C LYS A 287 -1.16 29.98 -7.88
N LEU A 288 -1.39 28.93 -7.10
CA LEU A 288 -0.72 28.76 -5.80
C LEU A 288 0.61 28.08 -5.97
N ASN A 289 0.89 27.67 -7.20
CA ASN A 289 2.12 27.00 -7.52
C ASN A 289 2.34 25.78 -6.64
N THR A 290 1.51 24.77 -6.84
CA THR A 290 1.61 23.54 -6.07
C THR A 290 0.73 22.47 -6.72
N LYS A 291 0.72 21.28 -6.15
CA LYS A 291 -0.07 20.18 -6.71
C LYS A 291 -0.59 19.24 -5.65
N SER A 292 -1.72 18.60 -5.91
CA SER A 292 -2.30 17.66 -4.96
C SER A 292 -1.40 16.43 -4.77
N LEU A 294 -2.40 13.55 -3.44
CA LEU A 294 -3.13 12.29 -3.53
C LEU A 294 -2.46 11.36 -4.53
N PRO A 295 -2.44 11.73 -5.81
CA PRO A 295 -1.83 10.87 -6.81
C PRO A 295 -0.55 10.27 -6.26
N LYS A 296 0.40 11.10 -5.86
CA LYS A 296 1.65 10.59 -5.31
C LYS A 296 1.38 9.60 -4.18
N ILE A 297 0.56 9.99 -3.20
CA ILE A 297 0.27 9.07 -2.10
C ILE A 297 -0.22 7.71 -2.64
N ILE A 298 -1.35 7.70 -3.32
CA ILE A 298 -1.87 6.44 -3.85
C ILE A 298 -0.85 5.61 -4.62
N VAL A 299 -0.11 6.23 -5.52
CA VAL A 299 0.86 5.47 -6.28
C VAL A 299 1.83 4.82 -5.32
N THR A 300 2.39 5.60 -4.41
CA THR A 300 3.33 5.05 -3.45
C THR A 300 2.74 3.82 -2.73
N GLY A 301 1.44 3.90 -2.43
CA GLY A 301 0.78 2.79 -1.76
C GLY A 301 0.70 1.60 -2.69
N TYR A 302 0.07 1.81 -3.84
CA TYR A 302 -0.07 0.77 -4.84
C TYR A 302 1.27 0.07 -5.07
N ASN A 303 2.34 0.86 -5.19
CA ASN A 303 3.67 0.29 -5.42
C ASN A 303 4.24 -0.47 -4.24
N ALA A 304 4.18 0.13 -3.05
CA ALA A 304 4.69 -0.48 -1.81
C ALA A 304 4.16 -1.88 -1.64
N LEU A 305 2.94 -2.10 -2.12
CA LEU A 305 2.31 -3.40 -2.04
C LEU A 305 2.81 -4.35 -3.14
N ASN A 306 3.83 -3.93 -3.88
CA ASN A 306 4.38 -4.73 -4.98
C ASN A 306 3.34 -5.06 -6.04
N LEU A 307 2.54 -4.07 -6.41
CA LEU A 307 1.52 -4.32 -7.43
C LEU A 307 1.85 -3.58 -8.74
N ILE A 308 1.43 -4.18 -9.83
CA ILE A 308 1.61 -3.66 -11.18
C ILE A 308 0.30 -3.99 -11.88
N ASN A 309 0.19 -3.65 -13.16
CA ASN A 309 -1.05 -3.93 -13.87
C ASN A 309 -0.84 -4.11 -15.36
N TYR A 310 -1.86 -4.64 -16.01
CA TYR A 310 -1.84 -4.81 -17.44
C TYR A 310 -3.26 -4.40 -17.84
N PHE A 311 -3.51 -4.09 -19.10
CA PHE A 311 -4.85 -3.66 -19.49
C PHE A 311 -5.52 -4.60 -20.48
N THR A 312 -6.79 -4.35 -20.72
CA THR A 312 -7.55 -5.10 -21.70
C THR A 312 -8.35 -4.01 -22.41
N CYS A 313 -7.83 -3.58 -23.56
CA CYS A 313 -8.46 -2.51 -24.33
C CYS A 313 -9.42 -3.03 -25.41
N GLY A 314 -10.38 -2.18 -25.74
CA GLY A 314 -11.37 -2.52 -26.75
C GLY A 314 -12.36 -1.39 -26.91
N GLU A 315 -12.86 -1.18 -28.13
CA GLU A 315 -13.81 -0.12 -28.39
C GLU A 315 -14.90 -0.07 -27.33
N ASP A 316 -15.25 -1.21 -26.77
CA ASP A 316 -16.27 -1.23 -25.73
C ASP A 316 -15.72 -0.79 -24.38
N GLU A 317 -14.63 -1.43 -23.95
CA GLU A 317 -14.08 -1.08 -22.65
C GLU A 317 -12.56 -1.16 -22.53
N VAL A 318 -12.04 -0.36 -21.63
CA VAL A 318 -10.61 -0.34 -21.36
C VAL A 318 -10.47 -0.49 -19.85
N ARG A 319 -9.93 -1.62 -19.42
CA ARG A 319 -9.77 -1.85 -17.99
C ARG A 319 -8.38 -2.26 -17.54
N SER A 320 -7.94 -1.65 -16.44
CA SER A 320 -6.63 -1.93 -15.85
C SER A 320 -6.79 -3.01 -14.79
N TRP A 321 -6.06 -4.12 -14.93
CA TRP A 321 -6.16 -5.21 -13.97
C TRP A 321 -4.95 -5.28 -13.05
N THR A 322 -5.18 -5.28 -11.74
CA THR A 322 -4.06 -5.35 -10.82
C THR A 322 -3.48 -6.75 -10.66
N ILE A 323 -2.15 -6.86 -10.73
CA ILE A 323 -1.51 -8.16 -10.55
C ILE A 323 -0.20 -7.98 -9.76
N ARG A 324 0.37 -9.09 -9.27
CA ARG A 324 1.61 -8.99 -8.51
C ARG A 324 2.83 -8.89 -9.39
N LYS A 325 3.77 -8.05 -8.97
CA LYS A 325 5.02 -7.79 -9.69
C LYS A 325 5.60 -8.96 -10.47
N GLY A 326 5.40 -10.18 -10.01
CA GLY A 326 5.98 -11.29 -10.76
C GLY A 326 4.99 -12.31 -11.28
N THR A 327 3.75 -11.88 -11.46
CA THR A 327 2.72 -12.79 -11.92
C THR A 327 2.91 -13.23 -13.35
N LYS A 328 2.54 -14.48 -13.61
CA LYS A 328 2.67 -15.02 -14.94
C LYS A 328 1.33 -15.09 -15.69
N ALA A 329 1.42 -14.84 -16.99
CA ALA A 329 0.27 -14.82 -17.90
C ALA A 329 -0.94 -15.63 -17.48
N PRO A 330 -0.79 -16.96 -17.30
CA PRO A 330 -1.98 -17.74 -16.91
C PRO A 330 -2.71 -17.12 -15.71
N GLN A 331 -2.00 -16.95 -14.60
CA GLN A 331 -2.58 -16.37 -13.40
C GLN A 331 -3.20 -15.01 -13.71
N ALA A 332 -2.44 -14.17 -14.40
CA ALA A 332 -2.89 -12.83 -14.78
C ALA A 332 -4.26 -12.92 -15.44
N ALA A 333 -4.38 -13.85 -16.38
CA ALA A 333 -5.64 -14.05 -17.09
C ALA A 333 -6.70 -14.53 -16.12
N GLY A 334 -6.29 -15.37 -15.17
CA GLY A 334 -7.23 -15.89 -14.20
C GLY A 334 -7.97 -14.76 -13.53
N VAL A 335 -7.26 -13.65 -13.36
CA VAL A 335 -7.82 -12.46 -12.71
C VAL A 335 -9.21 -12.07 -13.26
N ILE A 336 -9.34 -12.05 -14.58
CA ILE A 336 -10.61 -11.70 -15.22
C ILE A 336 -11.64 -12.81 -15.09
N HIS A 337 -11.31 -13.97 -15.63
CA HIS A 337 -12.20 -15.13 -15.56
C HIS A 337 -11.34 -16.35 -15.24
N THR A 338 -11.75 -17.10 -14.22
CA THR A 338 -11.04 -18.28 -13.76
C THR A 338 -10.67 -19.21 -14.92
N ASP A 339 -11.62 -19.41 -15.84
CA ASP A 339 -11.41 -20.26 -17.01
C ASP A 339 -10.13 -19.90 -17.75
N PHE A 340 -9.95 -18.61 -18.01
CA PHE A 340 -8.77 -18.12 -18.72
C PHE A 340 -7.49 -18.84 -18.31
N GLU A 341 -7.35 -19.09 -17.00
CA GLU A 341 -6.16 -19.75 -16.49
C GLU A 341 -6.22 -21.25 -16.77
N LYS A 342 -7.35 -21.86 -16.40
CA LYS A 342 -7.56 -23.29 -16.58
C LYS A 342 -7.34 -23.71 -18.04
N ALA A 343 -8.18 -23.19 -18.92
CA ALA A 343 -8.11 -23.48 -20.35
C ALA A 343 -7.00 -22.70 -21.03
N PHE A 344 -5.96 -22.34 -20.29
CA PHE A 344 -4.88 -21.56 -20.88
C PHE A 344 -3.83 -22.39 -21.60
N VAL A 345 -3.30 -21.79 -22.66
CA VAL A 345 -2.28 -22.41 -23.48
C VAL A 345 -1.35 -21.28 -23.92
N VAL A 346 -1.96 -20.23 -24.45
CA VAL A 346 -1.24 -19.05 -24.92
C VAL A 346 -2.11 -17.82 -24.73
N GLY A 347 -1.48 -16.66 -24.83
CA GLY A 347 -2.20 -15.41 -24.70
C GLY A 347 -1.55 -14.42 -25.64
N GLU A 348 -2.28 -13.36 -25.99
CA GLU A 348 -1.79 -12.33 -26.88
C GLU A 348 -1.44 -11.05 -26.13
N ILE A 349 -0.14 -10.76 -26.06
CA ILE A 349 0.37 -9.58 -25.37
C ILE A 349 0.83 -8.51 -26.34
N HIS A 351 3.00 -5.14 -25.56
CA HIS A 351 3.69 -4.20 -24.67
C HIS A 351 3.25 -2.78 -24.91
N TYR A 352 2.92 -2.08 -23.82
CA TYR A 352 2.46 -0.71 -23.92
C TYR A 352 3.32 0.13 -24.86
N GLN A 353 4.65 0.01 -24.73
CA GLN A 353 5.55 0.79 -25.57
C GLN A 353 5.32 0.58 -27.07
N ASP A 354 5.09 -0.66 -27.47
CA ASP A 354 4.87 -0.94 -28.88
C ASP A 354 3.55 -0.31 -29.31
N LEU A 355 2.47 -0.63 -28.60
CA LEU A 355 1.18 -0.09 -28.93
C LEU A 355 1.23 1.43 -28.93
N PHE A 356 1.94 2.01 -27.96
CA PHE A 356 2.03 3.46 -27.88
C PHE A 356 2.80 4.04 -29.05
N ASP A 357 3.71 3.24 -29.60
CA ASP A 357 4.51 3.70 -30.73
C ASP A 357 3.81 3.52 -32.08
N TYR A 358 2.83 2.63 -32.14
CA TYR A 358 2.13 2.37 -33.39
C TYR A 358 0.71 2.89 -33.43
N LYS A 359 0.20 3.31 -32.27
CA LYS A 359 -1.12 3.89 -32.22
C LYS A 359 -2.21 3.02 -32.86
N THR A 360 -2.13 1.69 -32.71
CA THR A 360 -3.15 0.77 -33.28
C THR A 360 -2.64 -0.66 -33.31
N GLU A 361 -3.53 -1.59 -33.02
CA GLU A 361 -3.17 -3.00 -33.01
C GLU A 361 -2.49 -3.43 -34.32
N ASN A 362 -3.19 -3.27 -35.43
CA ASN A 362 -2.64 -3.63 -36.74
C ASN A 362 -1.22 -3.14 -36.98
N ALA A 363 -1.00 -1.83 -36.81
CA ALA A 363 0.34 -1.29 -37.02
C ALA A 363 1.41 -2.19 -36.44
N CYS A 364 1.45 -2.25 -35.11
CA CYS A 364 2.42 -3.07 -34.42
C CYS A 364 2.27 -4.54 -34.76
N ARG A 365 1.04 -4.98 -34.98
CA ARG A 365 0.77 -6.38 -35.32
C ARG A 365 1.46 -6.72 -36.64
N ALA A 366 1.60 -5.70 -37.47
CA ALA A 366 2.25 -5.81 -38.77
C ALA A 366 3.75 -5.80 -38.57
N ALA A 367 4.19 -5.16 -37.48
CA ALA A 367 5.60 -5.07 -37.15
C ALA A 367 6.00 -6.23 -36.23
N GLY A 368 5.16 -7.26 -36.20
CA GLY A 368 5.42 -8.42 -35.38
C GLY A 368 5.23 -8.20 -33.88
N LYS A 369 5.08 -6.94 -33.48
CA LYS A 369 4.90 -6.59 -32.08
C LYS A 369 3.62 -7.12 -31.45
N TYR A 370 2.90 -8.00 -32.14
CA TYR A 370 1.71 -8.57 -31.53
C TYR A 370 2.10 -9.93 -31.01
N LEU A 371 3.03 -9.92 -30.08
CA LEU A 371 3.58 -11.13 -29.46
C LEU A 371 2.54 -12.14 -28.96
N THR A 372 2.98 -13.40 -28.86
CA THR A 372 2.13 -14.49 -28.37
C THR A 372 2.85 -15.20 -27.25
N LYS A 373 2.42 -14.98 -26.02
CA LYS A 373 3.07 -15.62 -24.89
C LYS A 373 2.34 -16.83 -24.34
N GLY A 374 3.12 -17.72 -23.73
CA GLY A 374 2.59 -18.94 -23.16
C GLY A 374 2.54 -18.97 -21.64
N LYS A 375 2.51 -20.16 -21.07
CA LYS A 375 2.42 -20.29 -19.62
C LYS A 375 3.61 -19.73 -18.86
N GLU A 376 4.81 -19.82 -19.42
CA GLU A 376 5.98 -19.31 -18.72
C GLU A 376 6.30 -17.87 -19.07
N TYR A 377 5.32 -16.99 -18.92
CA TYR A 377 5.55 -15.58 -19.21
C TYR A 377 5.12 -14.69 -18.05
N VAL A 378 6.07 -13.92 -17.53
CA VAL A 378 5.76 -13.00 -16.44
C VAL A 378 5.30 -11.71 -17.10
N GLU A 380 4.27 -7.90 -17.99
CA GLU A 380 5.08 -6.70 -17.87
C GLU A 380 4.15 -5.51 -17.67
N SER A 381 4.49 -4.70 -16.67
CA SER A 381 3.69 -3.54 -16.32
C SER A 381 3.28 -2.77 -17.56
N GLY A 382 1.98 -2.61 -17.73
CA GLY A 382 1.48 -1.88 -18.88
C GLY A 382 1.02 -2.77 -20.01
N ASP A 383 1.43 -4.02 -19.98
CA ASP A 383 1.05 -4.95 -21.04
C ASP A 383 -0.44 -4.89 -21.39
N ILE A 384 -0.73 -4.92 -22.70
CA ILE A 384 -2.11 -4.92 -23.18
C ILE A 384 -2.30 -6.36 -23.63
N ALA A 385 -3.11 -7.10 -22.90
CA ALA A 385 -3.32 -8.49 -23.23
C ALA A 385 -4.72 -8.84 -23.71
N HIS A 386 -4.82 -10.01 -24.30
CA HIS A 386 -6.10 -10.52 -24.81
C HIS A 386 -6.14 -12.05 -24.77
N TRP A 387 -7.09 -12.58 -24.00
CA TRP A 387 -7.26 -14.02 -23.84
C TRP A 387 -8.44 -14.48 -24.69
N LYS A 388 -8.43 -15.75 -25.09
CA LYS A 388 -9.55 -16.26 -25.89
C LYS A 388 -10.42 -17.23 -25.10
#